data_4XKZ
#
_entry.id   4XKZ
#
_cell.length_a   103.360
_cell.length_b   103.360
_cell.length_c   79.140
_cell.angle_alpha   90.000
_cell.angle_beta   90.000
_cell.angle_gamma   90.000
#
_symmetry.space_group_name_H-M   'P 4 21 2'
#
loop_
_entity.id
_entity.type
_entity.pdbx_description
1 polymer 'Valine-tRNA ligase'
2 non-polymer 'IODIDE ION'
3 non-polymer 'TRIETHYLENE GLYCOL'
4 water water
#
_entity_poly.entity_id   1
_entity_poly.type   'polypeptide(L)'
_entity_poly.pdbx_seq_one_letter_code
;MAHHHHHHMCNKIWNAANFVIENTDGQDTGVNGEPVELSSVDRWIISQLQRTEQEVTRQLDAFRFDLAAQALYEFIWDEY
CAWYLELVKPVLWDENAPIERQRGTRRTLIRVLETALRLAHPFMPFITEEIWQRIKGQAGKEGPTLMLQPWPVADEGRID
AAAEGDIEWVKALMLGVRQIRGEMNISMAKRIDIILKNASPSDHRRLADNEPLLMKLAKLESIRVLEAGEEAPMSATALV
GDMEVLVPMAGLIDKSAELGRLDKEIQRL
;
_entity_poly.pdbx_strand_id   A
#
loop_
_chem_comp.id
_chem_comp.type
_chem_comp.name
_chem_comp.formula
IOD non-polymer 'IODIDE ION' 'I -1'
PGE non-polymer 'TRIETHYLENE GLYCOL' 'C6 H14 O4'
#
# COMPACT_ATOMS: atom_id res chain seq x y z
N ALA A 2 10.79 -11.17 6.41
CA ALA A 2 10.54 -12.44 7.16
C ALA A 2 10.33 -13.59 6.13
N HIS A 3 10.71 -14.80 6.47
CA HIS A 3 10.35 -15.94 5.62
C HIS A 3 8.81 -16.13 5.72
N HIS A 4 8.13 -16.41 4.63
CA HIS A 4 6.66 -16.63 4.71
C HIS A 4 6.33 -18.05 4.22
N HIS A 5 5.76 -18.85 5.09
CA HIS A 5 5.33 -20.21 4.75
C HIS A 5 4.17 -20.20 3.78
N HIS A 6 4.20 -21.11 2.85
CA HIS A 6 3.08 -21.28 1.92
C HIS A 6 1.71 -21.32 2.59
N HIS A 7 1.55 -22.15 3.61
CA HIS A 7 0.21 -22.27 4.24
C HIS A 7 -0.25 -20.96 4.87
N HIS A 8 0.67 -20.19 5.48
CA HIS A 8 0.32 -18.85 6.00
C HIS A 8 -0.10 -17.92 4.85
N MET A 9 0.54 -18.06 3.71
CA MET A 9 0.18 -17.22 2.58
C MET A 9 -1.23 -17.53 2.08
N CYS A 10 -1.71 -18.81 2.18
CA CYS A 10 -3.10 -19.13 1.87
C CYS A 10 -4.06 -18.22 2.60
N ASN A 11 -3.88 -18.11 3.90
CA ASN A 11 -4.71 -17.33 4.73
C ASN A 11 -4.63 -15.83 4.30
N LYS A 12 -3.40 -15.36 4.09
CA LYS A 12 -3.18 -13.98 3.77
C LYS A 12 -3.86 -13.62 2.48
N ILE A 13 -3.70 -14.45 1.47
CA ILE A 13 -4.28 -14.21 0.15
C ILE A 13 -5.81 -14.27 0.16
N TRP A 14 -6.34 -15.27 0.86
CA TRP A 14 -7.79 -15.40 0.99
C TRP A 14 -8.42 -14.15 1.63
N ASN A 15 -7.83 -13.72 2.75
CA ASN A 15 -8.33 -12.53 3.47
C ASN A 15 -8.16 -11.24 2.67
N ALA A 16 -7.08 -11.16 1.90
CA ALA A 16 -6.87 -9.98 1.08
C ALA A 16 -7.92 -9.92 0.00
N ALA A 17 -8.12 -11.04 -0.66
CA ALA A 17 -9.15 -11.15 -1.66
C ALA A 17 -10.55 -10.82 -1.12
N ASN A 18 -10.91 -11.32 0.03
CA ASN A 18 -12.17 -10.97 0.67
C ASN A 18 -12.28 -9.47 0.88
N PHE A 19 -11.22 -8.83 1.37
CA PHE A 19 -11.27 -7.37 1.57
C PHE A 19 -11.48 -6.64 0.21
N VAL A 20 -10.78 -7.09 -0.80
CA VAL A 20 -10.85 -6.44 -2.10
C VAL A 20 -12.27 -6.62 -2.69
N ILE A 21 -12.81 -7.83 -2.59
CA ILE A 21 -14.13 -8.13 -3.11
C ILE A 21 -15.17 -7.34 -2.39
N GLU A 22 -15.10 -7.32 -1.07
CA GLU A 22 -16.08 -6.54 -0.29
CA GLU A 22 -16.02 -6.53 -0.24
C GLU A 22 -16.05 -5.07 -0.65
N ASN A 23 -14.88 -4.54 -0.95
CA ASN A 23 -14.73 -3.14 -1.30
C ASN A 23 -14.86 -2.81 -2.80
N THR A 24 -15.09 -3.79 -3.65
CA THR A 24 -15.30 -3.55 -5.06
C THR A 24 -16.64 -4.04 -5.62
N ASP A 25 -17.31 -4.98 -4.95
CA ASP A 25 -18.61 -5.47 -5.43
C ASP A 25 -19.60 -4.34 -5.49
N GLY A 26 -20.32 -4.30 -6.62
CA GLY A 26 -21.27 -3.22 -6.84
C GLY A 26 -20.64 -1.86 -7.11
N GLN A 27 -19.31 -1.78 -7.29
CA GLN A 27 -18.64 -0.51 -7.53
C GLN A 27 -17.90 -0.58 -8.87
N ASP A 28 -17.45 0.57 -9.37
CA ASP A 28 -16.77 0.67 -10.66
C ASP A 28 -15.26 0.39 -10.45
N THR A 29 -14.75 -0.67 -11.03
CA THR A 29 -13.34 -1.00 -10.99
C THR A 29 -12.57 -0.57 -12.21
N GLY A 30 -13.18 0.29 -13.01
CA GLY A 30 -12.54 0.78 -14.22
C GLY A 30 -12.28 -0.26 -15.27
N VAL A 31 -13.19 -1.25 -15.32
CA VAL A 31 -13.06 -2.38 -16.21
C VAL A 31 -13.27 -1.88 -17.62
N ASN A 32 -14.05 -0.80 -17.77
CA ASN A 32 -14.15 -0.14 -19.10
C ASN A 32 -12.83 0.26 -19.77
N GLY A 33 -11.69 0.24 -19.07
CA GLY A 33 -10.38 0.63 -19.69
C GLY A 33 -10.17 2.16 -19.87
N GLU A 34 -11.13 2.98 -19.44
CA GLU A 34 -11.10 4.44 -19.62
C GLU A 34 -10.23 5.10 -18.49
N PRO A 35 -9.89 6.44 -18.59
CA PRO A 35 -9.02 7.05 -17.54
C PRO A 35 -9.55 7.04 -16.08
N VAL A 36 -8.61 6.87 -15.16
CA VAL A 36 -8.80 6.99 -13.72
C VAL A 36 -7.77 7.98 -13.18
N GLU A 37 -7.90 8.33 -11.92
CA GLU A 37 -6.94 9.12 -11.25
C GLU A 37 -6.16 8.30 -10.23
N LEU A 38 -4.85 8.13 -10.46
CA LEU A 38 -3.99 7.38 -9.58
C LEU A 38 -3.22 8.37 -8.68
N SER A 39 -3.00 8.07 -7.40
CA SER A 39 -2.14 8.88 -6.57
C SER A 39 -0.74 8.23 -6.55
N SER A 40 0.21 8.84 -5.86
CA SER A 40 1.51 8.21 -5.73
C SER A 40 1.41 6.89 -4.93
N VAL A 41 0.41 6.73 -4.08
CA VAL A 41 0.22 5.43 -3.38
C VAL A 41 -0.11 4.32 -4.42
N ASP A 42 -1.02 4.58 -5.34
CA ASP A 42 -1.32 3.64 -6.40
C ASP A 42 -0.10 3.39 -7.29
N ARG A 43 0.58 4.47 -7.68
CA ARG A 43 1.74 4.31 -8.53
C ARG A 43 2.88 3.51 -7.87
N TRP A 44 3.05 3.72 -6.57
CA TRP A 44 3.99 2.92 -5.79
C TRP A 44 3.70 1.41 -5.88
N ILE A 45 2.48 1.00 -5.54
CA ILE A 45 2.23 -0.43 -5.50
C ILE A 45 2.37 -1.03 -6.90
N ILE A 46 1.99 -0.28 -7.93
CA ILE A 46 2.12 -0.77 -9.31
C ILE A 46 3.60 -0.92 -9.70
N SER A 47 4.41 0.03 -9.27
CA SER A 47 5.84 -0.04 -9.52
C SER A 47 6.47 -1.23 -8.80
N GLN A 48 6.13 -1.38 -7.52
CA GLN A 48 6.59 -2.57 -6.78
C GLN A 48 6.22 -3.92 -7.43
N LEU A 49 4.99 -3.98 -7.99
CA LEU A 49 4.54 -5.12 -8.73
C LEU A 49 5.44 -5.41 -9.91
N GLN A 50 5.78 -4.39 -10.69
CA GLN A 50 6.71 -4.63 -11.78
C GLN A 50 8.02 -5.22 -11.32
N ARG A 51 8.61 -4.63 -10.30
CA ARG A 51 9.90 -5.13 -9.77
C ARG A 51 9.79 -6.60 -9.32
N THR A 52 8.65 -6.92 -8.72
CA THR A 52 8.36 -8.29 -8.28
C THR A 52 8.20 -9.25 -9.44
N GLU A 53 7.53 -8.87 -10.50
CA GLU A 53 7.46 -9.68 -11.70
C GLU A 53 8.82 -10.00 -12.23
N GLN A 54 9.71 -9.02 -12.24
CA GLN A 54 11.06 -9.23 -12.70
C GLN A 54 11.82 -10.26 -11.84
N GLU A 55 11.76 -10.09 -10.54
CA GLU A 55 12.54 -10.94 -9.61
C GLU A 55 11.95 -12.39 -9.62
N VAL A 56 10.63 -12.54 -9.56
CA VAL A 56 10.01 -13.86 -9.63
C VAL A 56 10.43 -14.55 -10.90
N THR A 57 10.36 -13.85 -12.02
CA THR A 57 10.70 -14.48 -13.26
C THR A 57 12.19 -14.87 -13.33
N ARG A 58 13.07 -13.97 -12.88
CA ARG A 58 14.49 -14.26 -12.81
C ARG A 58 14.75 -15.55 -12.00
N GLN A 59 14.07 -15.69 -10.88
CA GLN A 59 14.32 -16.83 -10.02
C GLN A 59 13.73 -18.10 -10.58
N LEU A 60 12.57 -18.01 -11.21
CA LEU A 60 12.01 -19.17 -11.93
C LEU A 60 12.90 -19.65 -13.07
N ASP A 61 13.47 -18.70 -13.80
CA ASP A 61 14.41 -19.00 -14.85
C ASP A 61 15.66 -19.71 -14.34
N ALA A 62 16.00 -19.50 -13.08
CA ALA A 62 17.17 -20.14 -12.45
C ALA A 62 16.77 -21.35 -11.65
N PHE A 63 15.52 -21.79 -11.80
CA PHE A 63 14.99 -23.01 -11.15
C PHE A 63 14.86 -22.83 -9.63
N ARG A 64 14.87 -21.60 -9.14
CA ARG A 64 14.82 -21.35 -7.69
C ARG A 64 13.38 -21.02 -7.30
N PHE A 65 12.56 -22.05 -7.20
CA PHE A 65 11.20 -21.88 -6.75
C PHE A 65 11.09 -21.28 -5.38
N ASP A 66 12.02 -21.64 -4.51
CA ASP A 66 12.14 -21.17 -3.15
C ASP A 66 12.35 -19.65 -3.14
N LEU A 67 13.32 -19.18 -3.92
CA LEU A 67 13.56 -17.75 -3.97
C LEU A 67 12.43 -16.99 -4.70
N ALA A 68 11.85 -17.56 -5.74
CA ALA A 68 10.76 -16.96 -6.49
C ALA A 68 9.55 -16.76 -5.63
N ALA A 69 9.21 -17.81 -4.85
CA ALA A 69 8.06 -17.68 -3.94
C ALA A 69 8.29 -16.66 -2.86
N GLN A 70 9.47 -16.65 -2.23
CA GLN A 70 9.72 -15.67 -1.19
C GLN A 70 9.69 -14.18 -1.70
N ALA A 71 10.19 -13.96 -2.91
CA ALA A 71 10.13 -12.61 -3.48
C ALA A 71 8.64 -12.23 -3.70
N LEU A 72 7.84 -13.15 -4.20
CA LEU A 72 6.43 -12.89 -4.38
C LEU A 72 5.78 -12.64 -3.07
N TYR A 73 6.06 -13.52 -2.11
CA TYR A 73 5.39 -13.43 -0.80
C TYR A 73 5.72 -12.15 -0.04
N GLU A 74 6.96 -11.67 -0.19
CA GLU A 74 7.32 -10.39 0.40
C GLU A 74 6.52 -9.25 -0.19
N PHE A 75 6.29 -9.28 -1.50
CA PHE A 75 5.41 -8.29 -2.10
C PHE A 75 3.99 -8.41 -1.58
N ILE A 76 3.41 -9.60 -1.60
CA ILE A 76 2.00 -9.77 -1.22
C ILE A 76 1.82 -9.42 0.26
N TRP A 77 2.63 -10.03 1.12
CA TRP A 77 2.45 -9.87 2.53
C TRP A 77 2.90 -8.50 3.05
N ASP A 78 4.13 -8.13 2.73
CA ASP A 78 4.79 -6.95 3.26
C ASP A 78 4.49 -5.62 2.56
N GLU A 79 4.06 -5.62 1.32
CA GLU A 79 3.76 -4.37 0.58
C GLU A 79 2.28 -4.25 0.32
N TYR A 80 1.73 -5.17 -0.46
CA TYR A 80 0.32 -5.11 -0.82
C TYR A 80 -0.61 -5.22 0.40
N CYS A 81 -0.48 -6.29 1.22
CA CYS A 81 -1.35 -6.46 2.39
C CYS A 81 -1.00 -5.54 3.52
N ALA A 82 0.26 -5.44 3.90
CA ALA A 82 0.59 -4.68 5.07
C ALA A 82 0.35 -3.20 4.87
N TRP A 83 0.61 -2.71 3.66
CA TRP A 83 0.55 -1.27 3.41
C TRP A 83 -0.52 -0.86 2.43
N TYR A 84 -0.53 -1.39 1.22
CA TYR A 84 -1.46 -0.86 0.27
C TYR A 84 -2.94 -0.98 0.73
N LEU A 85 -3.32 -2.15 1.26
CA LEU A 85 -4.66 -2.34 1.73
C LEU A 85 -5.04 -1.41 2.90
N GLU A 86 -4.08 -0.85 3.62
CA GLU A 86 -4.36 0.15 4.64
C GLU A 86 -4.44 1.54 3.97
N LEU A 87 -3.46 1.81 3.11
CA LEU A 87 -3.35 3.13 2.46
C LEU A 87 -4.51 3.49 1.53
N VAL A 88 -5.24 2.50 1.02
CA VAL A 88 -6.42 2.83 0.22
C VAL A 88 -7.66 3.22 1.05
N LYS A 89 -7.65 2.92 2.35
CA LYS A 89 -8.85 3.10 3.14
C LYS A 89 -9.43 4.54 3.12
N PRO A 90 -8.57 5.59 3.08
CA PRO A 90 -9.08 6.98 3.02
C PRO A 90 -9.88 7.27 1.78
N VAL A 91 -9.64 6.56 0.71
CA VAL A 91 -10.49 6.64 -0.47
C VAL A 91 -11.68 5.71 -0.42
N LEU A 92 -11.45 4.44 -0.09
CA LEU A 92 -12.56 3.46 -0.11
C LEU A 92 -13.64 3.82 0.87
N TRP A 93 -13.30 4.45 1.99
CA TRP A 93 -14.24 4.64 3.03
C TRP A 93 -14.74 6.08 3.13
N ASP A 94 -14.38 6.94 2.19
CA ASP A 94 -14.88 8.30 2.16
C ASP A 94 -15.94 8.40 1.05
N GLU A 95 -17.20 8.62 1.39
CA GLU A 95 -18.29 8.73 0.38
C GLU A 95 -18.09 9.88 -0.56
N ASN A 96 -17.33 10.89 -0.15
CA ASN A 96 -17.03 11.99 -1.03
C ASN A 96 -15.72 11.93 -1.74
N ALA A 97 -15.03 10.76 -1.72
CA ALA A 97 -13.82 10.67 -2.55
C ALA A 97 -14.20 10.89 -4.02
N PRO A 98 -13.44 11.69 -4.75
CA PRO A 98 -13.81 11.90 -6.18
C PRO A 98 -13.99 10.58 -6.94
N ILE A 99 -14.96 10.50 -7.82
CA ILE A 99 -15.24 9.26 -8.52
C ILE A 99 -14.02 8.70 -9.31
N GLU A 100 -13.19 9.59 -9.86
CA GLU A 100 -11.98 9.08 -10.54
C GLU A 100 -10.92 8.50 -9.65
N ARG A 101 -10.85 9.00 -8.43
CA ARG A 101 -9.93 8.43 -7.44
C ARG A 101 -10.48 7.08 -6.95
N GLN A 102 -11.77 7.00 -6.73
CA GLN A 102 -12.44 5.74 -6.43
C GLN A 102 -12.17 4.68 -7.50
N ARG A 103 -12.32 5.05 -8.77
CA ARG A 103 -12.04 4.18 -9.89
C ARG A 103 -10.58 3.77 -9.95
N GLY A 104 -9.67 4.71 -9.77
CA GLY A 104 -8.24 4.40 -9.81
C GLY A 104 -7.81 3.49 -8.70
N THR A 105 -8.36 3.72 -7.51
CA THR A 105 -8.04 2.93 -6.30
C THR A 105 -8.58 1.50 -6.51
N ARG A 106 -9.85 1.36 -6.94
CA ARG A 106 -10.42 0.05 -7.12
C ARG A 106 -9.80 -0.70 -8.29
N ARG A 107 -9.46 0.00 -9.38
CA ARG A 107 -8.83 -0.66 -10.46
C ARG A 107 -7.51 -1.24 -10.02
N THR A 108 -6.75 -0.39 -9.37
CA THR A 108 -5.46 -0.78 -8.89
C THR A 108 -5.52 -1.98 -7.94
N LEU A 109 -6.42 -1.91 -7.00
CA LEU A 109 -6.57 -2.99 -6.03
C LEU A 109 -6.82 -4.35 -6.73
N ILE A 110 -7.72 -4.33 -7.67
CA ILE A 110 -8.14 -5.56 -8.31
C ILE A 110 -7.12 -6.05 -9.36
N ARG A 111 -6.49 -5.15 -10.11
CA ARG A 111 -5.50 -5.56 -11.11
C ARG A 111 -4.26 -6.13 -10.42
N VAL A 112 -3.84 -5.52 -9.33
CA VAL A 112 -2.66 -6.01 -8.62
C VAL A 112 -2.96 -7.37 -7.96
N LEU A 113 -4.15 -7.51 -7.38
CA LEU A 113 -4.57 -8.82 -6.87
C LEU A 113 -4.55 -9.88 -7.94
N GLU A 114 -5.13 -9.58 -9.11
CA GLU A 114 -5.22 -10.53 -10.20
C GLU A 114 -3.79 -10.97 -10.60
N THR A 115 -2.90 -10.01 -10.73
CA THR A 115 -1.53 -10.35 -11.14
C THR A 115 -0.81 -11.17 -10.06
N ALA A 116 -0.99 -10.81 -8.79
CA ALA A 116 -0.42 -11.54 -7.63
C ALA A 116 -0.92 -13.03 -7.65
N LEU A 117 -2.19 -13.25 -7.95
CA LEU A 117 -2.74 -14.58 -8.09
C LEU A 117 -2.06 -15.35 -9.24
N ARG A 118 -1.91 -14.70 -10.38
CA ARG A 118 -1.24 -15.31 -11.50
C ARG A 118 0.17 -15.71 -11.18
N LEU A 119 0.90 -14.81 -10.52
CA LEU A 119 2.27 -15.11 -10.12
C LEU A 119 2.38 -16.22 -9.07
N ALA A 120 1.37 -16.37 -8.21
CA ALA A 120 1.40 -17.35 -7.13
C ALA A 120 0.89 -18.74 -7.59
N HIS A 121 0.25 -18.80 -8.74
CA HIS A 121 -0.30 -20.06 -9.24
C HIS A 121 0.70 -21.23 -9.33
N PRO A 122 1.98 -20.99 -9.71
CA PRO A 122 2.93 -22.08 -9.78
C PRO A 122 3.20 -22.65 -8.39
N PHE A 123 2.95 -21.88 -7.31
CA PHE A 123 3.21 -22.34 -5.96
C PHE A 123 1.97 -22.91 -5.27
N MET A 124 0.83 -22.28 -5.50
CA MET A 124 -0.43 -22.60 -4.84
C MET A 124 -1.56 -22.63 -5.83
N PRO A 125 -1.60 -23.68 -6.68
CA PRO A 125 -2.50 -23.61 -7.85
C PRO A 125 -3.96 -23.59 -7.53
N PHE A 126 -4.41 -24.31 -6.49
CA PHE A 126 -5.85 -24.47 -6.30
C PHE A 126 -6.48 -23.28 -5.67
N ILE A 127 -5.88 -22.74 -4.62
CA ILE A 127 -6.44 -21.52 -4.05
C ILE A 127 -6.40 -20.31 -4.95
N THR A 128 -5.30 -20.19 -5.70
CA THR A 128 -5.23 -19.07 -6.63
C THR A 128 -6.26 -19.20 -7.73
N GLU A 129 -6.45 -20.40 -8.27
CA GLU A 129 -7.48 -20.62 -9.30
C GLU A 129 -8.84 -20.24 -8.71
N GLU A 130 -9.08 -20.65 -7.46
CA GLU A 130 -10.40 -20.43 -6.86
C GLU A 130 -10.74 -18.96 -6.85
N ILE A 131 -9.82 -18.18 -6.31
CA ILE A 131 -10.02 -16.71 -6.16
C ILE A 131 -10.07 -15.98 -7.48
N TRP A 132 -9.19 -16.41 -8.38
CA TRP A 132 -9.10 -15.83 -9.72
C TRP A 132 -10.37 -15.92 -10.47
N GLN A 133 -11.04 -17.06 -10.40
CA GLN A 133 -12.27 -17.19 -11.11
C GLN A 133 -13.35 -16.14 -10.62
N ARG A 134 -13.27 -15.77 -9.35
CA ARG A 134 -14.24 -14.81 -8.77
C ARG A 134 -13.91 -13.35 -9.09
N ILE A 135 -12.64 -13.01 -9.25
CA ILE A 135 -12.24 -11.64 -9.54
C ILE A 135 -11.88 -11.29 -10.99
N LYS A 136 -11.70 -12.31 -11.87
CA LYS A 136 -11.17 -12.05 -13.21
C LYS A 136 -12.04 -11.04 -13.99
N GLY A 137 -13.40 -11.20 -13.92
CA GLY A 137 -14.35 -10.27 -14.58
C GLY A 137 -14.04 -8.79 -14.18
N GLN A 138 -14.00 -8.50 -12.88
CA GLN A 138 -13.77 -7.12 -12.43
C GLN A 138 -12.35 -6.62 -12.74
N ALA A 139 -11.41 -7.55 -12.98
CA ALA A 139 -10.04 -7.23 -13.31
C ALA A 139 -9.87 -7.02 -14.77
N GLY A 140 -10.90 -7.34 -15.55
CA GLY A 140 -10.88 -7.20 -16.99
C GLY A 140 -10.13 -8.32 -17.71
N LYS A 141 -10.05 -9.51 -17.09
CA LYS A 141 -9.36 -10.69 -17.68
C LYS A 141 -10.40 -11.72 -18.10
N GLU A 142 -10.10 -12.47 -19.14
CA GLU A 142 -10.98 -13.49 -19.62
C GLU A 142 -10.11 -14.71 -19.91
N GLY A 143 -10.76 -15.86 -19.79
CA GLY A 143 -10.14 -17.13 -20.11
C GLY A 143 -10.62 -18.15 -19.10
N PRO A 144 -10.57 -19.40 -19.51
CA PRO A 144 -11.18 -20.42 -18.68
C PRO A 144 -10.36 -20.75 -17.40
N THR A 145 -9.03 -20.73 -17.44
CA THR A 145 -8.21 -21.28 -16.31
C THR A 145 -6.95 -20.48 -16.09
N LEU A 146 -6.62 -20.23 -14.82
CA LEU A 146 -5.45 -19.43 -14.51
C LEU A 146 -4.16 -20.05 -14.99
N MET A 147 -4.07 -21.37 -15.03
CA MET A 147 -2.84 -22.03 -15.39
C MET A 147 -2.37 -21.70 -16.85
N LEU A 148 -3.28 -21.42 -17.75
CA LEU A 148 -2.92 -21.15 -19.17
C LEU A 148 -2.99 -19.66 -19.49
N GLN A 149 -3.20 -18.81 -18.49
CA GLN A 149 -3.13 -17.37 -18.72
C GLN A 149 -1.71 -16.99 -19.10
N PRO A 150 -1.53 -15.86 -19.82
CA PRO A 150 -0.14 -15.36 -20.09
C PRO A 150 0.62 -15.13 -18.78
N TRP A 151 1.92 -15.37 -18.82
CA TRP A 151 2.81 -15.04 -17.68
C TRP A 151 3.03 -13.56 -17.71
N PRO A 152 2.94 -12.87 -16.56
CA PRO A 152 3.07 -11.39 -16.55
C PRO A 152 4.48 -10.96 -16.96
N VAL A 153 4.57 -9.83 -17.65
CA VAL A 153 5.84 -9.27 -18.12
C VAL A 153 5.91 -7.85 -17.58
N ALA A 154 6.92 -7.55 -16.77
CA ALA A 154 7.11 -6.23 -16.20
C ALA A 154 7.17 -5.13 -17.28
N ASP A 155 6.57 -4.00 -16.95
CA ASP A 155 6.58 -2.83 -17.82
C ASP A 155 7.46 -1.84 -17.09
N GLU A 156 8.64 -1.60 -17.66
CA GLU A 156 9.58 -0.60 -17.12
C GLU A 156 9.01 0.81 -17.08
N GLY A 157 8.09 1.12 -17.95
CA GLY A 157 7.39 2.39 -17.96
C GLY A 157 6.49 2.60 -16.75
N ARG A 158 6.22 1.55 -15.97
CA ARG A 158 5.41 1.72 -14.79
C ARG A 158 6.23 1.67 -13.51
N ILE A 159 7.55 1.54 -13.62
CA ILE A 159 8.40 1.72 -12.51
C ILE A 159 8.46 3.22 -12.18
N ASP A 160 8.31 3.54 -10.90
CA ASP A 160 8.11 4.92 -10.49
C ASP A 160 8.84 5.16 -9.19
N ALA A 161 10.13 5.45 -9.32
CA ALA A 161 11.02 5.68 -8.13
C ALA A 161 10.58 6.88 -7.29
N ALA A 162 10.05 7.90 -7.94
CA ALA A 162 9.59 9.08 -7.19
C ALA A 162 8.42 8.70 -6.25
N ALA A 163 7.49 7.92 -6.78
CA ALA A 163 6.35 7.50 -5.98
C ALA A 163 6.82 6.60 -4.85
N GLU A 164 7.77 5.71 -5.16
CA GLU A 164 8.32 4.82 -4.18
C GLU A 164 8.97 5.59 -3.04
N GLY A 165 9.71 6.64 -3.37
CA GLY A 165 10.41 7.43 -2.33
C GLY A 165 9.33 8.13 -1.48
N ASP A 166 8.30 8.62 -2.11
CA ASP A 166 7.22 9.32 -1.35
C ASP A 166 6.53 8.34 -0.33
N ILE A 167 6.27 7.12 -0.74
CA ILE A 167 5.58 6.19 0.09
C ILE A 167 6.51 5.65 1.16
N GLU A 168 7.78 5.46 0.88
CA GLU A 168 8.73 5.16 1.97
C GLU A 168 8.78 6.25 3.04
N TRP A 169 8.68 7.50 2.65
CA TRP A 169 8.56 8.58 3.61
C TRP A 169 7.24 8.50 4.43
N VAL A 170 6.13 8.23 3.73
CA VAL A 170 4.84 8.10 4.42
C VAL A 170 4.94 6.93 5.44
N LYS A 171 5.51 5.81 5.02
CA LYS A 171 5.71 4.65 5.95
C LYS A 171 6.49 5.03 7.18
N ALA A 172 7.60 5.73 6.99
CA ALA A 172 8.49 6.08 8.08
C ALA A 172 7.82 7.04 9.03
N LEU A 173 7.05 7.99 8.49
CA LEU A 173 6.30 8.91 9.34
C LEU A 173 5.22 8.14 10.14
N MET A 174 4.41 7.35 9.45
CA MET A 174 3.40 6.54 10.14
C MET A 174 3.98 5.60 11.24
N LEU A 175 5.10 4.94 10.95
CA LEU A 175 5.74 4.05 11.93
C LEU A 175 6.32 4.82 13.11
N GLY A 176 6.90 5.98 12.84
CA GLY A 176 7.39 6.86 13.87
C GLY A 176 6.29 7.32 14.85
N VAL A 177 5.14 7.70 14.33
CA VAL A 177 4.01 8.03 15.18
C VAL A 177 3.50 6.82 15.99
N ARG A 178 3.40 5.66 15.34
CA ARG A 178 3.00 4.41 16.02
C ARG A 178 3.97 4.11 17.21
N GLN A 179 5.25 4.28 16.93
CA GLN A 179 6.28 3.97 17.92
C GLN A 179 6.14 4.90 19.12
N ILE A 180 5.83 6.16 18.87
CA ILE A 180 5.60 7.10 19.97
C ILE A 180 4.35 6.72 20.78
N ARG A 181 3.27 6.37 20.11
CA ARG A 181 2.09 5.88 20.82
C ARG A 181 2.42 4.73 21.78
N GLY A 182 3.05 3.66 21.28
CA GLY A 182 3.39 2.48 22.08
C GLY A 182 4.24 2.84 23.30
N GLU A 183 5.25 3.67 23.09
CA GLU A 183 6.16 4.11 24.12
C GLU A 183 5.48 4.93 25.21
N MET A 184 4.59 5.83 24.81
CA MET A 184 3.80 6.64 25.76
C MET A 184 2.46 6.04 26.18
N ASN A 185 2.23 4.76 25.85
CA ASN A 185 0.99 4.06 26.20
C ASN A 185 -0.25 4.87 25.83
N ILE A 186 -0.24 5.52 24.63
CA ILE A 186 -1.39 6.28 24.12
C ILE A 186 -2.22 5.30 23.29
N SER A 187 -3.53 5.36 23.45
CA SER A 187 -4.44 4.56 22.63
C SER A 187 -4.15 4.76 21.12
N MET A 188 -4.26 3.69 20.33
CA MET A 188 -4.12 3.81 18.87
C MET A 188 -5.24 4.69 18.31
N ALA A 189 -6.37 4.76 19.00
CA ALA A 189 -7.51 5.61 18.64
C ALA A 189 -7.39 7.13 18.90
N LYS A 190 -6.58 7.59 19.86
CA LYS A 190 -6.62 9.01 20.22
C LYS A 190 -5.97 9.92 19.17
N ARG A 191 -6.68 10.96 18.75
CA ARG A 191 -6.17 11.98 17.84
C ARG A 191 -5.14 12.84 18.55
N ILE A 192 -3.94 12.96 17.97
CA ILE A 192 -2.85 13.75 18.57
C ILE A 192 -2.29 14.76 17.60
N ASP A 193 -1.65 15.77 18.16
CA ASP A 193 -1.00 16.80 17.35
C ASP A 193 0.46 16.42 17.07
N ILE A 194 0.92 16.74 15.87
CA ILE A 194 2.28 16.47 15.40
C ILE A 194 2.89 17.79 14.99
N ILE A 195 4.16 17.95 15.34
CA ILE A 195 4.99 19.04 14.83
C ILE A 195 6.20 18.44 14.14
N LEU A 196 6.56 18.99 12.96
CA LEU A 196 7.73 18.54 12.18
C LEU A 196 8.89 19.54 12.26
N LYS A 197 10.04 19.09 12.71
CA LYS A 197 11.20 19.96 12.90
C LYS A 197 12.23 19.54 11.88
N ASN A 198 12.86 20.52 11.26
CA ASN A 198 14.00 20.30 10.35
C ASN A 198 13.52 19.57 9.10
N ALA A 199 12.51 20.18 8.49
CA ALA A 199 11.84 19.64 7.34
C ALA A 199 12.44 20.26 6.09
N SER A 200 12.84 19.42 5.14
CA SER A 200 13.39 19.86 3.88
C SER A 200 12.26 20.26 2.96
N PRO A 201 12.59 20.80 1.78
CA PRO A 201 11.51 21.09 0.84
C PRO A 201 10.78 19.82 0.28
N SER A 202 11.51 18.71 0.15
CA SER A 202 10.85 17.45 -0.26
C SER A 202 9.88 17.00 0.85
N ASP A 203 10.29 17.12 2.12
CA ASP A 203 9.40 16.89 3.25
C ASP A 203 8.14 17.69 3.17
N HIS A 204 8.26 18.97 2.85
CA HIS A 204 7.07 19.80 2.68
C HIS A 204 6.19 19.38 1.54
N ARG A 205 6.80 19.05 0.41
CA ARG A 205 6.00 18.65 -0.72
C ARG A 205 5.27 17.30 -0.39
N ARG A 206 6.03 16.35 0.17
CA ARG A 206 5.45 15.05 0.54
C ARG A 206 4.29 15.22 1.57
N LEU A 207 4.46 16.14 2.51
CA LEU A 207 3.40 16.41 3.46
C LEU A 207 2.17 17.01 2.76
N ALA A 208 2.38 18.02 1.93
CA ALA A 208 1.23 18.60 1.22
C ALA A 208 0.47 17.56 0.43
N ASP A 209 1.20 16.65 -0.22
CA ASP A 209 0.56 15.65 -1.04
C ASP A 209 -0.20 14.58 -0.26
N ASN A 210 0.22 14.33 0.97
CA ASN A 210 -0.26 13.19 1.74
C ASN A 210 -0.93 13.57 3.03
N GLU A 211 -1.10 14.85 3.30
CA GLU A 211 -1.69 15.29 4.55
C GLU A 211 -3.02 14.62 4.91
N PRO A 212 -4.02 14.58 3.99
CA PRO A 212 -5.33 13.98 4.37
C PRO A 212 -5.20 12.53 4.74
N LEU A 213 -4.35 11.79 4.04
CA LEU A 213 -4.14 10.38 4.32
C LEU A 213 -3.51 10.18 5.71
N LEU A 214 -2.51 10.99 5.99
CA LEU A 214 -1.79 10.93 7.27
C LEU A 214 -2.70 11.21 8.44
N MET A 215 -3.55 12.23 8.31
CA MET A 215 -4.49 12.61 9.36
CA MET A 215 -4.49 12.61 9.37
C MET A 215 -5.48 11.50 9.66
N LYS A 216 -6.01 10.85 8.60
CA LYS A 216 -6.95 9.79 8.75
C LYS A 216 -6.25 8.57 9.31
N LEU A 217 -5.13 8.16 8.74
CA LEU A 217 -4.60 6.83 9.08
C LEU A 217 -3.73 6.83 10.29
N ALA A 218 -2.99 7.90 10.51
CA ALA A 218 -2.23 7.97 11.71
C ALA A 218 -3.04 8.62 12.87
N LYS A 219 -4.31 8.94 12.62
CA LYS A 219 -5.25 9.43 13.65
C LYS A 219 -4.69 10.69 14.29
N LEU A 220 -4.55 11.73 13.49
CA LEU A 220 -3.91 12.97 13.90
C LEU A 220 -4.91 14.10 14.01
N GLU A 221 -4.80 14.85 15.08
CA GLU A 221 -5.56 16.07 15.28
C GLU A 221 -5.06 17.16 14.36
N SER A 222 -3.74 17.24 14.14
CA SER A 222 -3.11 18.28 13.34
C SER A 222 -1.68 17.89 13.09
N ILE A 223 -1.12 18.46 12.04
CA ILE A 223 0.23 18.18 11.65
C ILE A 223 0.70 19.41 10.95
N ARG A 224 1.78 19.97 11.46
CA ARG A 224 2.37 21.16 10.90
C ARG A 224 3.88 21.17 11.09
N VAL A 225 4.54 21.91 10.22
CA VAL A 225 5.95 22.17 10.34
C VAL A 225 6.14 23.24 11.43
N LEU A 226 7.28 23.24 12.07
CA LEU A 226 7.61 24.27 13.05
C LEU A 226 7.84 25.58 12.31
N GLU A 227 7.33 26.69 12.88
CA GLU A 227 7.51 28.03 12.31
C GLU A 227 8.99 28.38 12.48
N ALA A 228 9.58 29.06 11.48
CA ALA A 228 10.99 29.52 11.55
C ALA A 228 11.19 30.36 12.83
N GLY A 229 12.22 30.03 13.61
CA GLY A 229 12.42 30.61 14.94
C GLY A 229 11.36 30.31 16.00
N GLU A 230 10.51 29.28 15.82
CA GLU A 230 9.57 28.83 16.88
C GLU A 230 10.31 27.88 17.83
N GLU A 231 10.18 28.11 19.15
CA GLU A 231 10.62 27.14 20.17
C GLU A 231 9.65 25.96 20.04
N ALA A 232 10.13 24.74 20.29
CA ALA A 232 9.30 23.54 20.14
C ALA A 232 8.96 22.98 21.51
N PRO A 233 7.66 22.77 21.82
CA PRO A 233 7.31 22.35 23.18
C PRO A 233 7.82 20.96 23.49
N MET A 234 7.88 20.65 24.78
CA MET A 234 8.48 19.43 25.23
C MET A 234 7.68 18.22 24.71
N SER A 235 8.38 17.29 24.07
CA SER A 235 7.69 16.25 23.31
C SER A 235 8.47 14.94 23.17
N ALA A 236 7.72 13.90 22.80
CA ALA A 236 8.29 12.64 22.34
C ALA A 236 8.65 12.82 20.88
N THR A 237 9.72 12.17 20.46
CA THR A 237 10.30 12.39 19.12
C THR A 237 10.50 11.04 18.37
N ALA A 238 10.46 11.10 17.02
CA ALA A 238 11.03 10.07 16.15
C ALA A 238 11.66 10.75 14.93
N LEU A 239 12.40 10.01 14.10
CA LEU A 239 13.13 10.59 12.97
C LEU A 239 12.61 10.01 11.65
N VAL A 240 12.49 10.85 10.62
CA VAL A 240 12.22 10.40 9.27
C VAL A 240 13.31 11.05 8.45
N GLY A 241 14.39 10.31 8.27
CA GLY A 241 15.63 10.89 7.79
C GLY A 241 16.13 11.90 8.81
N ASP A 242 16.47 13.09 8.33
CA ASP A 242 16.88 14.21 9.18
C ASP A 242 15.68 15.01 9.74
N MET A 243 14.44 14.65 9.34
CA MET A 243 13.26 15.35 9.89
C MET A 243 12.88 14.70 11.21
N GLU A 244 12.51 15.51 12.19
CA GLU A 244 12.04 14.97 13.48
C GLU A 244 10.55 15.23 13.64
N VAL A 245 9.89 14.24 14.21
CA VAL A 245 8.48 14.16 14.36
C VAL A 245 8.25 14.28 15.86
N LEU A 246 7.54 15.34 16.24
CA LEU A 246 7.34 15.72 17.65
C LEU A 246 5.87 15.52 17.98
N VAL A 247 5.58 14.76 19.02
CA VAL A 247 4.28 14.77 19.67
C VAL A 247 4.40 15.53 21.00
N PRO A 248 3.87 16.77 21.09
CA PRO A 248 3.88 17.48 22.39
C PRO A 248 3.24 16.70 23.53
N MET A 249 3.93 16.67 24.69
CA MET A 249 3.46 15.94 25.87
C MET A 249 2.26 16.67 26.48
N ALA A 250 2.24 18.01 26.38
CA ALA A 250 1.11 18.86 26.79
C ALA A 250 -0.25 18.14 26.73
N GLY A 251 -0.59 17.61 25.55
CA GLY A 251 -1.83 16.84 25.33
C GLY A 251 -2.12 15.70 26.31
N LEU A 252 -1.39 14.60 26.18
CA LEU A 252 -1.70 13.33 26.85
C LEU A 252 -1.30 13.27 28.31
I IOD B . -9.82 5.74 6.96
I IOD C . -2.11 -0.93 -13.49
I IOD D . -0.70 -3.25 -12.99
I IOD E . -3.32 -24.20 -2.68
C1 PGE F . -4.74 -8.94 4.66
O1 PGE F . -4.78 -10.38 4.40
C2 PGE F . -6.11 -8.59 4.16
O2 PGE F . -7.10 -8.28 5.12
C3 PGE F . -6.88 -6.99 5.77
C4 PGE F . -7.13 -5.82 4.83
O4 PGE F . -10.00 -3.91 7.35
C6 PGE F . -9.12 -4.98 6.95
C5 PGE F . -7.67 -4.51 6.77
O3 PGE F . -7.15 -4.51 5.41
C1 PGE G . 6.38 -2.36 8.61
O1 PGE G . 6.74 -1.79 7.30
C2 PGE G . 5.03 -3.13 8.62
O2 PGE G . 4.08 -2.50 9.49
C3 PGE G . 2.69 -2.55 9.12
C4 PGE G . 1.89 -1.28 9.45
O4 PGE G . -1.39 1.41 9.27
C6 PGE G . -0.93 0.08 9.35
C5 PGE G . 0.11 -0.02 8.24
O3 PGE G . 0.91 -1.19 8.40
#